data_3VEY
#
_entry.id   3VEY
#
_cell.length_a   80.387
_cell.length_b   80.387
_cell.length_c   324.334
_cell.angle_alpha   90.00
_cell.angle_beta   90.00
_cell.angle_gamma   120.00
#
_symmetry.space_group_name_H-M   'P 65 2 2'
#
loop_
_entity.id
_entity.type
_entity.pdbx_description
1 polymer Glucokinase
2 non-polymer alpha-D-glucopyranose
3 non-polymer 'SODIUM ION'
4 non-polymer 'PHOSPHOTHIOPHOSPHORIC ACID-ADENYLATE ESTER'
5 non-polymer 6-methoxy-N-(1-methyl-1H-pyrazol-3-yl)quinazolin-4-amine
6 water water
#
_entity_poly.entity_id   1
_entity_poly.type   'polypeptide(L)'
_entity_poly.pdbx_seq_one_letter_code
;MALTLVEQILAEFQLQEEDLKKVMRRMQKEMDRGLRLETHEEASVKMLPTYVRSTPEGSEVGDFLSLDLGGTNFRVMLVK
VGEGEEGQWSVKTKHQMYSIPEDAMTGTAEMLFDYISECISDFLDKHQMKHKKLPLGFTFSFPVRHEDIDKGILLNWTKG
FKASGAEGNNVVGLLRDAIKRRGDFEMDVVAMVNDTVATMISCYYEDHQCEVGMIVGTGCNACYMEEMQNVELVEGDEGR
MCVNTEWGAFGDSGELDEFLLEYDRLVDESSANPGQQLYEKLIGGKYMGELVRLVLLRLVDENLLFHGEASEQLRTRGAF
ETRFVSQVESDTGDRKQIYNILSTLGLRPSTTDCDIVRRACESVSTRAAHMCSAGLAGVINRMRESRSEDVMRITVGVDG
SVYKLHPSFKERFHASVRRLTPSCEITFIESEEGSGRGAALVSAVACKKACMLGQ
;
_entity_poly.pdbx_strand_id   A
#
loop_
_chem_comp.id
_chem_comp.type
_chem_comp.name
_chem_comp.formula
0H5 non-polymer 6-methoxy-N-(1-methyl-1H-pyrazol-3-yl)quinazolin-4-amine 'C13 H13 N5 O'
AGS non-polymer 'PHOSPHOTHIOPHOSPHORIC ACID-ADENYLATE ESTER' 'C10 H16 N5 O12 P3 S'
GLC D-saccharide, alpha linking alpha-D-glucopyranose 'C6 H12 O6'
NA non-polymer 'SODIUM ION' 'Na 1'
#
# COMPACT_ATOMS: atom_id res chain seq x y z
N THR A 4 -19.71 25.43 16.21
CA THR A 4 -18.55 26.25 15.83
C THR A 4 -17.27 25.78 16.53
N LEU A 5 -17.32 25.52 17.86
CA LEU A 5 -16.16 25.03 18.64
C LEU A 5 -15.67 23.68 18.11
N VAL A 6 -16.61 22.79 17.75
CA VAL A 6 -16.32 21.48 17.16
C VAL A 6 -15.71 21.74 15.77
N GLU A 7 -16.33 22.67 15.00
CA GLU A 7 -15.91 23.04 13.67
C GLU A 7 -14.55 23.75 13.62
N GLN A 8 -14.17 24.44 14.70
CA GLN A 8 -12.87 25.11 14.84
C GLN A 8 -11.77 24.06 15.00
N ILE A 9 -12.06 22.98 15.75
CA ILE A 9 -11.11 21.88 15.96
C ILE A 9 -10.97 21.08 14.65
N LEU A 10 -12.10 20.82 13.97
CA LEU A 10 -12.11 20.07 12.71
C LEU A 10 -11.44 20.81 11.55
N ALA A 11 -11.45 22.13 11.59
CA ALA A 11 -10.85 23.02 10.61
C ALA A 11 -9.33 22.82 10.50
N GLU A 12 -8.69 22.33 11.59
CA GLU A 12 -7.26 22.03 11.62
C GLU A 12 -6.84 21.00 10.56
N PHE A 13 -7.79 20.16 10.08
CA PHE A 13 -7.57 19.11 9.07
C PHE A 13 -7.60 19.62 7.63
N GLN A 14 -8.10 20.84 7.43
CA GLN A 14 -8.20 21.47 6.12
C GLN A 14 -6.84 21.65 5.45
N LEU A 15 -6.84 21.46 4.15
CA LEU A 15 -5.67 21.67 3.31
C LEU A 15 -6.11 22.49 2.11
N GLN A 16 -5.55 23.68 1.98
CA GLN A 16 -5.84 24.56 0.87
C GLN A 16 -5.05 24.10 -0.36
N GLU A 17 -5.44 24.55 -1.56
CA GLU A 17 -4.81 24.19 -2.83
C GLU A 17 -3.29 24.46 -2.79
N GLU A 18 -2.88 25.58 -2.16
CA GLU A 18 -1.48 25.93 -2.02
C GLU A 18 -0.72 24.98 -1.09
N ASP A 19 -1.40 24.41 -0.07
CA ASP A 19 -0.82 23.43 0.85
C ASP A 19 -0.52 22.17 0.07
N LEU A 20 -1.49 21.72 -0.74
CA LEU A 20 -1.36 20.51 -1.56
C LEU A 20 -0.25 20.63 -2.60
N LYS A 21 -0.13 21.80 -3.26
CA LYS A 21 0.91 22.08 -4.26
C LYS A 21 2.27 22.07 -3.62
N LYS A 22 2.37 22.51 -2.35
CA LYS A 22 3.59 22.52 -1.55
C LYS A 22 4.00 21.07 -1.21
N VAL A 23 3.03 20.21 -0.83
CA VAL A 23 3.29 18.80 -0.54
C VAL A 23 3.79 18.13 -1.83
N MET A 24 3.07 18.36 -2.95
CA MET A 24 3.35 17.81 -4.27
C MET A 24 4.78 18.16 -4.71
N ARG A 25 5.14 19.45 -4.62
CA ARG A 25 6.49 19.93 -4.97
C ARG A 25 7.58 19.28 -4.12
N ARG A 26 7.34 19.14 -2.80
CA ARG A 26 8.27 18.51 -1.88
C ARG A 26 8.40 17.00 -2.12
N MET A 27 7.31 16.35 -2.59
CA MET A 27 7.33 14.92 -2.92
C MET A 27 8.20 14.71 -4.14
N GLN A 28 8.03 15.57 -5.16
CA GLN A 28 8.82 15.56 -6.40
C GLN A 28 10.30 15.71 -6.10
N LYS A 29 10.64 16.62 -5.17
CA LYS A 29 12.00 16.92 -4.72
C LYS A 29 12.64 15.66 -4.12
N GLU A 30 11.91 15.01 -3.19
CA GLU A 30 12.32 13.80 -2.48
C GLU A 30 12.46 12.58 -3.40
N MET A 31 11.62 12.52 -4.45
CA MET A 31 11.63 11.47 -5.48
C MET A 31 12.91 11.61 -6.32
N ASP A 32 13.26 12.86 -6.71
CA ASP A 32 14.45 13.17 -7.50
C ASP A 32 15.71 12.78 -6.70
N ARG A 33 15.75 13.15 -5.41
CA ARG A 33 16.80 12.86 -4.42
C ARG A 33 17.05 11.34 -4.23
N GLY A 34 15.98 10.55 -4.15
CA GLY A 34 16.05 9.10 -3.99
C GLY A 34 16.65 8.37 -5.18
N LEU A 35 16.48 8.92 -6.39
CA LEU A 35 16.97 8.34 -7.62
C LEU A 35 18.45 8.56 -7.86
N ARG A 36 19.03 9.64 -7.29
CA ARG A 36 20.43 10.04 -7.44
C ARG A 36 21.36 9.36 -6.45
N LEU A 37 22.56 8.98 -6.90
CA LEU A 37 23.56 8.28 -6.09
C LEU A 37 24.01 9.05 -4.84
N GLU A 38 24.29 10.36 -4.99
CA GLU A 38 24.73 11.24 -3.92
C GLU A 38 23.71 11.39 -2.80
N THR A 39 22.42 11.18 -3.09
CA THR A 39 21.38 11.33 -2.07
C THR A 39 20.47 10.11 -1.81
N HIS A 40 20.67 8.97 -2.52
CA HIS A 40 19.82 7.76 -2.37
C HIS A 40 19.79 7.16 -0.96
N GLU A 41 20.91 7.32 -0.23
CA GLU A 41 21.11 6.79 1.11
C GLU A 41 20.38 7.55 2.22
N GLU A 42 20.41 8.91 2.17
CA GLU A 42 19.76 9.82 3.14
C GLU A 42 18.29 10.10 2.81
N ALA A 43 17.84 9.70 1.61
CA ALA A 43 16.49 9.96 1.10
C ALA A 43 15.37 9.29 1.88
N SER A 44 14.35 10.10 2.27
CA SER A 44 13.17 9.62 2.97
C SER A 44 12.30 8.83 1.99
N VAL A 45 12.26 9.28 0.73
CA VAL A 45 11.53 8.61 -0.36
C VAL A 45 12.59 7.82 -1.12
N LYS A 46 12.76 6.54 -0.72
CA LYS A 46 13.79 5.62 -1.19
C LYS A 46 13.90 5.37 -2.68
N MET A 47 12.77 5.40 -3.42
CA MET A 47 12.78 5.22 -4.89
C MET A 47 13.53 3.96 -5.27
N LEU A 48 13.13 2.83 -4.70
CA LEU A 48 13.83 1.55 -4.90
C LEU A 48 13.62 0.89 -6.26
N PRO A 49 14.72 0.66 -7.03
CA PRO A 49 14.60 -0.05 -8.32
C PRO A 49 14.10 -1.48 -8.10
N THR A 50 13.10 -1.89 -8.89
CA THR A 50 12.45 -3.21 -8.77
C THR A 50 13.00 -4.29 -9.70
N TYR A 51 13.73 -3.88 -10.74
CA TYR A 51 14.28 -4.74 -11.81
C TYR A 51 13.18 -5.23 -12.76
N VAL A 52 11.99 -4.61 -12.69
CA VAL A 52 10.85 -4.88 -13.57
C VAL A 52 11.00 -3.86 -14.70
N ARG A 53 11.31 -4.36 -15.89
CA ARG A 53 11.56 -3.53 -17.07
C ARG A 53 10.43 -3.65 -18.07
N SER A 54 10.29 -2.66 -18.96
CA SER A 54 9.29 -2.66 -20.04
C SER A 54 9.76 -3.67 -21.11
N THR A 55 9.52 -4.98 -20.82
CA THR A 55 9.92 -6.18 -21.55
C THR A 55 9.74 -6.21 -23.09
N PRO A 56 10.80 -6.62 -23.84
CA PRO A 56 10.66 -6.72 -25.30
C PRO A 56 10.18 -8.12 -25.72
N GLU A 57 9.10 -8.62 -25.04
CA GLU A 57 8.46 -9.93 -25.21
C GLU A 57 9.33 -11.10 -24.75
N GLY A 58 8.67 -12.17 -24.30
CA GLY A 58 9.31 -13.38 -23.82
C GLY A 58 8.70 -13.84 -22.52
N SER A 59 7.50 -14.45 -22.61
CA SER A 59 6.77 -14.94 -21.45
C SER A 59 6.45 -16.42 -21.54
N GLU A 60 6.56 -17.11 -20.39
CA GLU A 60 6.26 -18.52 -20.26
C GLU A 60 4.80 -18.71 -19.86
N VAL A 61 4.14 -19.72 -20.45
CA VAL A 61 2.72 -20.00 -20.18
C VAL A 61 2.56 -21.21 -19.24
N GLY A 62 1.43 -21.27 -18.53
CA GLY A 62 1.14 -22.36 -17.62
C GLY A 62 0.69 -21.93 -16.24
N ASP A 63 0.71 -22.85 -15.26
CA ASP A 63 0.31 -22.61 -13.88
C ASP A 63 1.45 -22.07 -13.03
N PHE A 64 1.13 -21.10 -12.16
CA PHE A 64 2.06 -20.41 -11.29
C PHE A 64 1.54 -20.35 -9.86
N LEU A 65 2.45 -20.45 -8.87
CA LEU A 65 2.05 -20.31 -7.48
C LEU A 65 2.39 -18.88 -7.01
N SER A 66 1.39 -18.15 -6.52
CA SER A 66 1.55 -16.78 -6.04
C SER A 66 1.41 -16.68 -4.53
N LEU A 67 2.34 -15.95 -3.90
CA LEU A 67 2.36 -15.69 -2.45
C LEU A 67 2.08 -14.23 -2.22
N ASP A 68 1.33 -13.94 -1.15
CA ASP A 68 1.00 -12.58 -0.79
C ASP A 68 1.16 -12.34 0.71
N LEU A 69 2.28 -11.72 1.09
CA LEU A 69 2.56 -11.38 2.48
C LEU A 69 2.67 -9.87 2.60
N GLY A 70 1.88 -9.31 3.51
CA GLY A 70 1.87 -7.87 3.77
C GLY A 70 0.64 -7.41 4.52
N GLY A 71 -0.50 -8.00 4.17
CA GLY A 71 -1.79 -7.70 4.79
C GLY A 71 -1.97 -8.23 6.19
N THR A 72 -3.20 -8.09 6.74
CA THR A 72 -3.56 -8.58 8.08
C THR A 72 -3.31 -10.09 8.19
N ASN A 73 -3.43 -10.80 7.05
CA ASN A 73 -3.23 -12.24 6.91
C ASN A 73 -2.21 -12.57 5.80
N PHE A 74 -2.14 -13.83 5.40
CA PHE A 74 -1.22 -14.33 4.36
C PHE A 74 -1.99 -15.20 3.35
N ARG A 75 -1.76 -14.98 2.03
CA ARG A 75 -2.46 -15.73 0.99
C ARG A 75 -1.54 -16.51 0.05
N VAL A 76 -1.97 -17.74 -0.32
CA VAL A 76 -1.30 -18.62 -1.27
C VAL A 76 -2.32 -18.87 -2.37
N MET A 77 -1.93 -18.67 -3.64
CA MET A 77 -2.84 -18.91 -4.76
C MET A 77 -2.21 -19.53 -6.00
N LEU A 78 -3.04 -20.19 -6.83
CA LEU A 78 -2.61 -20.75 -8.10
C LEU A 78 -3.15 -19.85 -9.21
N VAL A 79 -2.27 -19.40 -10.10
CA VAL A 79 -2.66 -18.56 -11.21
C VAL A 79 -2.16 -19.08 -12.55
N LYS A 80 -3.09 -19.32 -13.49
CA LYS A 80 -2.83 -19.84 -14.83
C LYS A 80 -2.57 -18.65 -15.78
N VAL A 81 -1.41 -18.67 -16.48
CA VAL A 81 -0.98 -17.60 -17.40
C VAL A 81 -0.90 -18.16 -18.83
N GLY A 82 -1.41 -17.40 -19.80
CA GLY A 82 -1.42 -17.80 -21.20
C GLY A 82 -1.27 -16.66 -22.18
N GLU A 83 -1.07 -17.00 -23.47
CA GLU A 83 -0.88 -16.05 -24.59
C GLU A 83 -2.20 -15.42 -25.04
N GLY A 84 -2.41 -14.16 -24.66
CA GLY A 84 -3.59 -13.38 -25.02
C GLY A 84 -3.42 -12.55 -26.28
N GLU A 85 -4.38 -11.64 -26.52
CA GLU A 85 -4.36 -10.72 -27.67
C GLU A 85 -3.30 -9.67 -27.41
N GLU A 86 -3.43 -8.98 -26.26
CA GLU A 86 -2.53 -7.94 -25.75
C GLU A 86 -1.10 -8.49 -25.62
N GLY A 87 -1.03 -9.68 -25.06
CA GLY A 87 0.19 -10.42 -24.78
C GLY A 87 -0.12 -11.61 -23.91
N GLN A 88 -0.48 -11.36 -22.64
CA GLN A 88 -0.73 -12.42 -21.67
C GLN A 88 -1.99 -12.27 -20.82
N TRP A 89 -2.81 -13.35 -20.78
CA TRP A 89 -3.97 -13.41 -19.89
C TRP A 89 -3.51 -14.12 -18.62
N SER A 90 -4.25 -13.93 -17.53
CA SER A 90 -3.92 -14.50 -16.22
C SER A 90 -5.19 -14.62 -15.40
N VAL A 91 -5.33 -15.73 -14.68
CA VAL A 91 -6.52 -15.99 -13.86
C VAL A 91 -6.19 -16.80 -12.60
N LYS A 92 -6.67 -16.36 -11.45
CA LYS A 92 -6.55 -17.03 -10.16
C LYS A 92 -7.54 -18.22 -10.22
N THR A 93 -7.02 -19.45 -10.12
CA THR A 93 -7.82 -20.67 -10.22
C THR A 93 -8.10 -21.33 -8.87
N LYS A 94 -7.15 -21.20 -7.93
CA LYS A 94 -7.20 -21.76 -6.58
C LYS A 94 -6.58 -20.77 -5.62
N HIS A 95 -7.07 -20.69 -4.37
CA HIS A 95 -6.58 -19.74 -3.36
C HIS A 95 -6.90 -20.17 -1.93
N GLN A 96 -6.06 -19.74 -0.98
CA GLN A 96 -6.24 -20.02 0.44
C GLN A 96 -5.63 -18.90 1.28
N MET A 97 -6.41 -18.39 2.24
CA MET A 97 -5.98 -17.37 3.18
C MET A 97 -5.60 -18.04 4.50
N TYR A 98 -4.47 -17.60 5.06
CA TYR A 98 -3.93 -18.09 6.32
C TYR A 98 -3.74 -16.93 7.27
N SER A 99 -4.10 -17.13 8.54
CA SER A 99 -3.93 -16.11 9.57
C SER A 99 -2.55 -16.24 10.20
N ILE A 100 -1.98 -15.12 10.66
CA ILE A 100 -0.65 -15.10 11.27
C ILE A 100 -0.76 -15.11 12.80
N PRO A 101 -0.18 -16.12 13.49
CA PRO A 101 -0.27 -16.16 14.96
C PRO A 101 0.56 -15.08 15.66
N GLU A 102 0.20 -14.79 16.93
CA GLU A 102 0.86 -13.81 17.80
C GLU A 102 2.32 -14.17 18.08
N ASP A 103 2.59 -15.45 18.41
CA ASP A 103 3.94 -15.96 18.71
C ASP A 103 4.84 -16.05 17.48
N ALA A 104 4.25 -16.08 16.26
CA ALA A 104 4.97 -16.12 14.99
C ALA A 104 5.36 -14.69 14.54
N MET A 105 4.46 -13.70 14.79
CA MET A 105 4.67 -12.29 14.47
C MET A 105 5.70 -11.65 15.39
N THR A 106 5.79 -12.15 16.65
CA THR A 106 6.73 -11.70 17.68
C THR A 106 8.05 -12.48 17.51
N GLY A 107 7.95 -13.73 17.05
CA GLY A 107 9.08 -14.63 16.81
C GLY A 107 10.04 -14.19 15.73
N THR A 108 11.08 -15.02 15.47
CA THR A 108 12.11 -14.72 14.47
C THR A 108 11.61 -14.80 13.02
N ALA A 109 12.50 -14.43 12.06
CA ALA A 109 12.25 -14.47 10.61
C ALA A 109 12.08 -15.92 10.16
N GLU A 110 12.98 -16.81 10.65
CA GLU A 110 12.99 -18.24 10.38
C GLU A 110 11.74 -18.92 10.95
N MET A 111 11.18 -18.39 12.05
CA MET A 111 9.94 -18.89 12.67
C MET A 111 8.75 -18.50 11.78
N LEU A 112 8.76 -17.24 11.27
CA LEU A 112 7.73 -16.67 10.38
C LEU A 112 7.73 -17.39 9.03
N PHE A 113 8.90 -17.49 8.37
CA PHE A 113 9.05 -18.15 7.08
C PHE A 113 8.83 -19.66 7.10
N ASP A 114 9.05 -20.31 8.28
CA ASP A 114 8.76 -21.74 8.44
C ASP A 114 7.24 -21.91 8.46
N TYR A 115 6.52 -20.97 9.11
CA TYR A 115 5.06 -20.96 9.16
C TYR A 115 4.51 -20.72 7.75
N ILE A 116 5.14 -19.82 6.96
CA ILE A 116 4.79 -19.53 5.57
C ILE A 116 4.95 -20.82 4.74
N SER A 117 6.12 -21.50 4.90
CA SER A 117 6.44 -22.78 4.24
C SER A 117 5.43 -23.89 4.63
N GLU A 118 4.96 -23.88 5.90
CA GLU A 118 3.98 -24.82 6.42
C GLU A 118 2.62 -24.57 5.75
N CYS A 119 2.27 -23.29 5.53
CA CYS A 119 1.04 -22.88 4.86
C CYS A 119 1.04 -23.31 3.40
N ILE A 120 2.21 -23.20 2.72
CA ILE A 120 2.39 -23.60 1.32
C ILE A 120 2.18 -25.11 1.19
N SER A 121 2.69 -25.92 2.16
CA SER A 121 2.54 -27.38 2.20
C SER A 121 1.06 -27.73 2.30
N ASP A 122 0.34 -27.08 3.25
CA ASP A 122 -1.10 -27.23 3.49
C ASP A 122 -1.92 -26.95 2.22
N PHE A 123 -1.54 -25.90 1.45
CA PHE A 123 -2.20 -25.54 0.19
C PHE A 123 -1.94 -26.58 -0.88
N LEU A 124 -0.66 -26.97 -1.10
CA LEU A 124 -0.27 -27.96 -2.11
C LEU A 124 -0.84 -29.36 -1.83
N ASP A 125 -1.03 -29.71 -0.53
CA ASP A 125 -1.59 -30.99 -0.10
C ASP A 125 -3.09 -31.03 -0.37
N LYS A 126 -3.80 -29.96 0.04
CA LYS A 126 -5.25 -29.83 -0.13
C LYS A 126 -5.67 -29.43 -1.57
N HIS A 127 -4.74 -29.55 -2.54
CA HIS A 127 -4.98 -29.24 -3.95
C HIS A 127 -4.35 -30.25 -4.91
N GLN A 128 -3.83 -31.39 -4.37
CA GLN A 128 -3.24 -32.52 -5.10
C GLN A 128 -2.13 -32.08 -6.09
N MET A 129 -1.26 -31.13 -5.64
CA MET A 129 -0.17 -30.59 -6.49
C MET A 129 1.22 -30.50 -5.83
N LYS A 130 1.45 -31.21 -4.72
CA LYS A 130 2.74 -31.24 -4.02
C LYS A 130 3.85 -31.78 -4.96
N HIS A 131 3.51 -32.79 -5.77
CA HIS A 131 4.38 -33.43 -6.77
C HIS A 131 4.70 -32.51 -7.97
N LYS A 132 3.96 -31.39 -8.13
CA LYS A 132 4.14 -30.41 -9.19
C LYS A 132 5.15 -29.33 -8.83
N LYS A 133 6.22 -29.21 -9.64
CA LYS A 133 7.28 -28.21 -9.49
C LYS A 133 6.86 -26.98 -10.28
N LEU A 134 6.24 -26.02 -9.58
CA LEU A 134 5.74 -24.76 -10.13
C LEU A 134 6.69 -23.60 -9.87
N PRO A 135 6.76 -22.58 -10.76
CA PRO A 135 7.55 -21.38 -10.44
C PRO A 135 6.78 -20.57 -9.39
N LEU A 136 7.49 -19.94 -8.45
CA LEU A 136 6.89 -19.16 -7.37
C LEU A 136 7.02 -17.66 -7.61
N GLY A 137 5.90 -16.96 -7.43
CA GLY A 137 5.79 -15.50 -7.53
C GLY A 137 5.52 -14.94 -6.14
N PHE A 138 6.38 -14.03 -5.66
CA PHE A 138 6.23 -13.50 -4.30
C PHE A 138 5.92 -12.01 -4.14
N THR A 139 4.66 -11.69 -3.74
CA THR A 139 4.26 -10.32 -3.45
C THR A 139 4.59 -10.04 -1.99
N PHE A 140 5.61 -9.18 -1.79
CA PHE A 140 6.10 -8.81 -0.47
C PHE A 140 5.90 -7.32 -0.35
N SER A 141 4.87 -6.92 0.43
CA SER A 141 4.41 -5.53 0.61
C SER A 141 5.23 -4.77 1.67
N PHE A 142 6.57 -4.76 1.53
CA PHE A 142 7.49 -4.09 2.47
C PHE A 142 8.71 -3.52 1.71
N PRO A 143 9.39 -2.46 2.25
CA PRO A 143 10.56 -1.90 1.54
C PRO A 143 11.72 -2.87 1.36
N VAL A 144 12.07 -3.10 0.07
CA VAL A 144 13.13 -4.02 -0.31
C VAL A 144 14.18 -3.37 -1.20
N ARG A 145 15.46 -3.51 -0.83
CA ARG A 145 16.58 -3.05 -1.63
C ARG A 145 16.96 -4.26 -2.48
N HIS A 146 16.60 -4.21 -3.78
CA HIS A 146 16.80 -5.26 -4.77
C HIS A 146 18.16 -5.23 -5.39
N GLU A 147 18.73 -6.43 -5.62
CA GLU A 147 19.97 -6.67 -6.35
C GLU A 147 19.55 -7.17 -7.73
N ASP A 148 18.40 -7.86 -7.79
CA ASP A 148 17.77 -8.41 -8.99
C ASP A 148 16.27 -8.67 -8.73
N ILE A 149 15.56 -9.25 -9.70
CA ILE A 149 14.12 -9.57 -9.63
C ILE A 149 13.80 -10.62 -8.56
N ASP A 150 14.74 -11.53 -8.32
CA ASP A 150 14.60 -12.61 -7.33
C ASP A 150 15.55 -12.44 -6.15
N LYS A 151 16.12 -11.23 -5.94
CA LYS A 151 17.05 -10.99 -4.84
C LYS A 151 16.89 -9.59 -4.29
N GLY A 152 16.77 -9.49 -2.98
CA GLY A 152 16.59 -8.22 -2.31
C GLY A 152 16.49 -8.35 -0.81
N ILE A 153 17.01 -7.36 -0.08
CA ILE A 153 17.01 -7.35 1.37
C ILE A 153 15.87 -6.50 1.95
N LEU A 154 15.29 -6.98 3.07
CA LEU A 154 14.25 -6.23 3.76
C LEU A 154 14.96 -5.07 4.45
N LEU A 155 14.53 -3.85 4.16
CA LEU A 155 15.13 -2.65 4.75
C LEU A 155 14.65 -2.50 6.19
N ASN A 156 13.34 -2.61 6.40
CA ASN A 156 12.67 -2.51 7.69
C ASN A 156 11.20 -2.89 7.53
N TRP A 157 10.60 -3.40 8.60
CA TRP A 157 9.18 -3.74 8.59
C TRP A 157 8.39 -2.44 8.69
N THR A 158 7.17 -2.45 8.17
CA THR A 158 6.22 -1.33 8.23
C THR A 158 4.87 -1.95 8.61
N LYS A 159 3.85 -1.11 8.87
CA LYS A 159 2.48 -1.53 9.20
C LYS A 159 2.35 -2.49 10.42
N GLY A 160 3.22 -2.33 11.41
CA GLY A 160 3.19 -3.11 12.65
C GLY A 160 3.89 -4.46 12.69
N PHE A 161 4.58 -4.86 11.60
CA PHE A 161 5.31 -6.13 11.55
C PHE A 161 6.56 -6.08 12.44
N LYS A 162 6.90 -7.20 13.13
CA LYS A 162 8.03 -7.21 14.06
C LYS A 162 8.98 -8.41 14.03
N ALA A 163 8.72 -9.41 13.15
CA ALA A 163 9.55 -10.62 13.04
C ALA A 163 11.07 -10.31 13.05
N SER A 164 11.73 -10.62 14.19
CA SER A 164 13.15 -10.36 14.40
C SER A 164 14.07 -11.14 13.48
N GLY A 165 15.26 -10.60 13.23
CA GLY A 165 16.27 -11.20 12.35
C GLY A 165 15.87 -11.28 10.89
N ALA A 166 14.97 -10.37 10.46
CA ALA A 166 14.46 -10.29 9.09
C ALA A 166 15.08 -9.13 8.33
N GLU A 167 15.13 -7.94 8.98
CA GLU A 167 15.69 -6.70 8.42
C GLU A 167 17.16 -6.85 8.07
N GLY A 168 17.52 -6.40 6.88
CA GLY A 168 18.88 -6.49 6.36
C GLY A 168 19.22 -7.80 5.70
N ASN A 169 18.29 -8.77 5.70
CA ASN A 169 18.50 -10.10 5.11
C ASN A 169 17.70 -10.31 3.83
N ASN A 170 18.24 -11.13 2.91
CA ASN A 170 17.59 -11.47 1.64
C ASN A 170 16.29 -12.25 1.93
N VAL A 171 15.16 -11.63 1.63
CA VAL A 171 13.80 -12.16 1.84
C VAL A 171 13.60 -13.45 1.04
N VAL A 172 14.02 -13.46 -0.25
CA VAL A 172 13.95 -14.62 -1.14
C VAL A 172 14.84 -15.74 -0.54
N GLY A 173 15.99 -15.34 0.02
CA GLY A 173 16.92 -16.22 0.70
C GLY A 173 16.29 -16.87 1.92
N LEU A 174 15.48 -16.11 2.70
CA LEU A 174 14.77 -16.61 3.88
C LEU A 174 13.72 -17.66 3.50
N LEU A 175 12.94 -17.39 2.42
CA LEU A 175 11.90 -18.28 1.90
C LEU A 175 12.47 -19.59 1.35
N ARG A 176 13.53 -19.53 0.51
CA ARG A 176 14.21 -20.69 -0.07
C ARG A 176 14.80 -21.59 1.02
N ASP A 177 15.36 -20.98 2.09
CA ASP A 177 15.94 -21.69 3.23
C ASP A 177 14.87 -22.38 4.05
N ALA A 178 13.69 -21.74 4.19
CA ALA A 178 12.53 -22.27 4.91
C ALA A 178 11.95 -23.47 4.17
N ILE A 179 11.95 -23.41 2.81
CA ILE A 179 11.49 -24.49 1.94
C ILE A 179 12.45 -25.70 2.06
N LYS A 180 13.79 -25.42 2.15
CA LYS A 180 14.85 -26.43 2.35
C LYS A 180 14.65 -27.11 3.70
N ARG A 181 14.34 -26.31 4.75
CA ARG A 181 14.07 -26.74 6.13
C ARG A 181 12.85 -27.67 6.24
N ARG A 182 11.96 -27.66 5.22
CA ARG A 182 10.76 -28.50 5.20
C ARG A 182 10.99 -29.80 4.42
N GLY A 183 11.53 -29.70 3.21
CA GLY A 183 11.81 -30.85 2.34
C GLY A 183 10.60 -31.53 1.73
N ASP A 184 9.38 -31.13 2.17
CA ASP A 184 8.08 -31.64 1.74
C ASP A 184 7.90 -31.40 0.24
N PHE A 185 7.97 -30.12 -0.19
CA PHE A 185 7.83 -29.67 -1.58
C PHE A 185 9.10 -28.96 -2.09
N GLU A 186 9.06 -28.51 -3.35
CA GLU A 186 10.12 -27.76 -4.01
C GLU A 186 9.53 -26.60 -4.81
N MET A 187 9.98 -25.37 -4.54
CA MET A 187 9.52 -24.18 -5.24
C MET A 187 10.68 -23.46 -5.92
N ASP A 188 10.44 -23.00 -7.16
CA ASP A 188 11.40 -22.23 -7.94
C ASP A 188 11.02 -20.76 -7.73
N VAL A 189 11.54 -20.14 -6.63
CA VAL A 189 11.27 -18.73 -6.31
C VAL A 189 11.90 -17.88 -7.39
N VAL A 190 11.05 -17.43 -8.34
CA VAL A 190 11.42 -16.71 -9.55
C VAL A 190 11.37 -15.17 -9.45
N ALA A 191 10.39 -14.62 -8.72
CA ALA A 191 10.27 -13.17 -8.59
C ALA A 191 9.76 -12.73 -7.26
N MET A 192 10.18 -11.52 -6.85
CA MET A 192 9.71 -10.84 -5.65
C MET A 192 9.33 -9.44 -6.06
N VAL A 193 8.04 -9.15 -5.97
CA VAL A 193 7.52 -7.83 -6.33
C VAL A 193 6.75 -7.22 -5.16
N ASN A 194 6.73 -5.89 -5.10
CA ASN A 194 5.98 -5.11 -4.13
C ASN A 194 4.51 -5.17 -4.59
N ASP A 195 3.56 -4.94 -3.67
CA ASP A 195 2.13 -4.93 -4.01
C ASP A 195 1.73 -3.85 -5.00
N THR A 196 2.44 -2.72 -5.01
CA THR A 196 2.16 -1.61 -5.94
C THR A 196 2.44 -2.10 -7.36
N VAL A 197 3.61 -2.73 -7.54
CA VAL A 197 4.17 -3.31 -8.77
C VAL A 197 3.26 -4.43 -9.31
N ALA A 198 2.89 -5.38 -8.45
CA ALA A 198 1.96 -6.47 -8.81
C ALA A 198 0.65 -5.90 -9.38
N THR A 199 0.10 -4.85 -8.74
CA THR A 199 -1.13 -4.16 -9.15
C THR A 199 -1.00 -3.50 -10.54
N MET A 200 0.10 -2.76 -10.76
CA MET A 200 0.40 -2.10 -12.04
C MET A 200 0.51 -3.13 -13.17
N ILE A 201 1.31 -4.19 -12.97
CA ILE A 201 1.51 -5.26 -13.96
C ILE A 201 0.18 -5.92 -14.39
N SER A 202 -0.69 -6.28 -13.41
CA SER A 202 -2.00 -6.88 -13.72
C SER A 202 -2.91 -5.92 -14.50
N CYS A 203 -2.83 -4.60 -14.22
CA CYS A 203 -3.65 -3.61 -14.92
C CYS A 203 -3.15 -3.28 -16.34
N TYR A 204 -1.83 -3.45 -16.59
CA TYR A 204 -1.19 -3.20 -17.89
C TYR A 204 -1.79 -4.02 -19.04
N TYR A 205 -2.12 -5.29 -18.79
CA TYR A 205 -2.70 -6.16 -19.82
C TYR A 205 -4.11 -5.77 -20.24
N GLU A 206 -4.80 -4.98 -19.41
CA GLU A 206 -6.13 -4.42 -19.64
C GLU A 206 -6.00 -3.03 -20.28
N ASP A 207 -4.84 -2.36 -20.09
CA ASP A 207 -4.54 -1.02 -20.62
C ASP A 207 -3.03 -0.81 -20.61
N HIS A 208 -2.40 -0.87 -21.78
CA HIS A 208 -0.95 -0.69 -21.96
C HIS A 208 -0.41 0.66 -21.48
N GLN A 209 -1.32 1.63 -21.28
CA GLN A 209 -1.00 2.97 -20.77
C GLN A 209 -0.82 2.96 -19.23
N CYS A 210 -1.05 1.80 -18.58
CA CYS A 210 -0.87 1.67 -17.13
C CYS A 210 0.60 1.58 -16.76
N GLU A 211 1.12 2.68 -16.22
CA GLU A 211 2.53 2.79 -15.85
C GLU A 211 2.69 3.27 -14.41
N VAL A 212 1.58 3.27 -13.64
CA VAL A 212 1.54 3.65 -12.22
C VAL A 212 0.71 2.60 -11.46
N GLY A 213 1.21 2.21 -10.31
CA GLY A 213 0.56 1.32 -9.38
C GLY A 213 0.46 2.01 -8.03
N MET A 214 -0.73 2.02 -7.44
CA MET A 214 -0.94 2.67 -6.15
C MET A 214 -1.77 1.80 -5.21
N ILE A 215 -1.39 1.77 -3.93
CA ILE A 215 -2.08 1.00 -2.90
C ILE A 215 -2.52 1.94 -1.80
N VAL A 216 -3.82 1.93 -1.50
CA VAL A 216 -4.43 2.67 -0.40
C VAL A 216 -5.25 1.67 0.42
N GLY A 217 -4.57 0.87 1.24
CA GLY A 217 -5.19 -0.13 2.10
C GLY A 217 -4.75 0.07 3.53
N THR A 218 -4.11 -0.95 4.14
CA THR A 218 -3.53 -0.90 5.48
C THR A 218 -2.46 0.21 5.44
N GLY A 219 -1.63 0.14 4.41
CA GLY A 219 -0.57 1.10 4.13
C GLY A 219 -0.86 1.89 2.87
N CYS A 220 0.06 2.76 2.52
CA CYS A 220 -0.10 3.59 1.33
C CYS A 220 1.24 3.71 0.64
N ASN A 221 1.28 3.41 -0.68
CA ASN A 221 2.49 3.44 -1.49
C ASN A 221 2.15 3.51 -2.99
N ALA A 222 3.15 3.88 -3.82
CA ALA A 222 3.03 3.94 -5.27
C ALA A 222 4.31 3.48 -5.96
N CYS A 223 4.16 3.02 -7.21
CA CYS A 223 5.24 2.64 -8.10
C CYS A 223 4.94 3.23 -9.46
N TYR A 224 5.97 3.43 -10.28
CA TYR A 224 5.80 4.00 -11.62
C TYR A 224 6.96 3.60 -12.51
N MET A 225 6.78 3.72 -13.83
CA MET A 225 7.83 3.41 -14.80
C MET A 225 8.69 4.64 -15.01
N GLU A 226 9.94 4.58 -14.54
CA GLU A 226 10.95 5.61 -14.67
C GLU A 226 11.85 5.30 -15.86
N GLU A 227 12.36 6.37 -16.55
CA GLU A 227 13.33 6.22 -17.64
C GLU A 227 14.63 5.68 -17.04
N MET A 228 15.24 4.63 -17.65
CA MET A 228 16.46 3.98 -17.17
C MET A 228 17.62 4.92 -16.83
N GLN A 229 17.80 6.01 -17.61
CA GLN A 229 18.86 7.00 -17.37
C GLN A 229 18.67 7.76 -16.04
N ASN A 230 17.44 7.80 -15.53
CA ASN A 230 17.12 8.44 -14.27
C ASN A 230 17.30 7.51 -13.06
N VAL A 231 17.30 6.18 -13.28
CA VAL A 231 17.52 5.17 -12.25
C VAL A 231 19.04 4.94 -12.17
N GLU A 232 19.73 5.83 -11.46
CA GLU A 232 21.19 5.80 -11.33
C GLU A 232 21.69 4.60 -10.55
N LEU A 233 20.83 3.99 -9.71
CA LEU A 233 21.19 2.83 -8.90
C LEU A 233 21.22 1.49 -9.68
N VAL A 234 20.94 1.56 -11.00
CA VAL A 234 20.96 0.43 -11.94
C VAL A 234 21.75 0.89 -13.18
N GLU A 235 22.36 -0.06 -13.89
CA GLU A 235 23.14 0.27 -15.08
C GLU A 235 22.29 0.16 -16.35
N GLY A 236 22.49 1.12 -17.25
CA GLY A 236 21.77 1.19 -18.51
C GLY A 236 20.96 2.47 -18.67
N ASP A 237 20.73 2.88 -19.92
CA ASP A 237 20.01 4.09 -20.29
C ASP A 237 18.84 3.80 -21.23
N GLU A 238 18.63 2.51 -21.59
CA GLU A 238 17.55 2.13 -22.51
C GLU A 238 16.33 1.55 -21.83
N GLY A 239 15.18 2.04 -22.26
CA GLY A 239 13.88 1.61 -21.76
C GLY A 239 13.52 2.18 -20.42
N ARG A 240 12.54 1.54 -19.77
CA ARG A 240 12.05 1.98 -18.48
C ARG A 240 12.14 0.87 -17.45
N MET A 241 12.27 1.27 -16.18
CA MET A 241 12.26 0.33 -15.06
C MET A 241 11.25 0.81 -14.06
N CYS A 242 10.52 -0.14 -13.46
CA CYS A 242 9.58 0.20 -12.41
C CYS A 242 10.36 0.55 -11.15
N VAL A 243 9.96 1.65 -10.51
CA VAL A 243 10.58 2.16 -9.29
C VAL A 243 9.51 2.14 -8.19
N ASN A 244 9.83 1.55 -7.03
CA ASN A 244 8.97 1.51 -5.87
C ASN A 244 9.35 2.74 -5.06
N THR A 245 8.52 3.81 -5.12
CA THR A 245 8.80 5.06 -4.40
C THR A 245 8.97 4.88 -2.91
N GLU A 246 8.12 4.03 -2.27
CA GLU A 246 8.05 3.84 -0.81
C GLU A 246 7.71 5.22 -0.20
N TRP A 247 6.73 5.90 -0.84
CA TRP A 247 6.30 7.25 -0.45
C TRP A 247 5.71 7.39 0.93
N GLY A 248 5.38 6.27 1.57
CA GLY A 248 4.85 6.24 2.93
C GLY A 248 5.79 6.88 3.92
N ALA A 249 7.11 6.76 3.65
CA ALA A 249 8.18 7.33 4.46
C ALA A 249 8.44 8.83 4.19
N PHE A 250 7.67 9.47 3.30
CA PHE A 250 7.77 10.91 3.08
C PHE A 250 7.35 11.60 4.40
N GLY A 251 8.12 12.59 4.83
CA GLY A 251 7.89 13.26 6.10
C GLY A 251 8.88 12.80 7.17
N ASP A 252 9.53 11.64 6.96
CA ASP A 252 10.51 11.09 7.90
C ASP A 252 11.76 11.96 8.13
N SER A 253 12.04 12.92 7.21
CA SER A 253 13.13 13.90 7.31
C SER A 253 12.60 15.33 7.60
N GLY A 254 11.34 15.41 8.08
CA GLY A 254 10.68 16.65 8.47
C GLY A 254 9.92 17.40 7.40
N GLU A 255 9.74 16.80 6.20
CA GLU A 255 9.04 17.39 5.04
C GLU A 255 7.57 17.76 5.30
N LEU A 256 6.91 17.10 6.26
CA LEU A 256 5.48 17.33 6.55
C LEU A 256 5.20 18.00 7.89
N ASP A 257 6.26 18.42 8.63
CA ASP A 257 6.19 19.04 9.96
C ASP A 257 5.15 20.14 10.15
N GLU A 258 5.00 21.04 9.15
CA GLU A 258 4.02 22.13 9.21
C GLU A 258 2.57 21.63 9.07
N PHE A 259 2.38 20.41 8.58
CA PHE A 259 1.05 19.83 8.39
C PHE A 259 0.69 18.82 9.48
N LEU A 260 1.68 18.36 10.27
CA LEU A 260 1.43 17.38 11.33
C LEU A 260 0.64 17.98 12.48
N LEU A 261 -0.37 17.24 12.94
CA LEU A 261 -1.30 17.62 14.01
C LEU A 261 -1.04 16.82 15.28
N GLU A 262 -1.62 17.25 16.43
CA GLU A 262 -1.48 16.57 17.72
C GLU A 262 -1.85 15.07 17.62
N TYR A 263 -2.90 14.74 16.82
CA TYR A 263 -3.39 13.38 16.58
C TYR A 263 -2.37 12.56 15.79
N ASP A 264 -1.67 13.20 14.84
CA ASP A 264 -0.62 12.55 14.03
C ASP A 264 0.58 12.21 14.90
N ARG A 265 0.93 13.12 15.81
CA ARG A 265 2.02 12.96 16.77
C ARG A 265 1.70 11.85 17.78
N LEU A 266 0.42 11.71 18.20
CA LEU A 266 -0.03 10.68 19.14
C LEU A 266 -0.01 9.29 18.50
N VAL A 267 -0.49 9.18 17.24
CA VAL A 267 -0.49 7.92 16.48
C VAL A 267 0.96 7.43 16.31
N ASP A 268 1.87 8.32 15.88
CA ASP A 268 3.29 8.03 15.66
C ASP A 268 4.03 7.54 16.91
N GLU A 269 3.89 8.24 18.06
CA GLU A 269 4.56 7.88 19.32
C GLU A 269 4.15 6.49 19.82
N SER A 270 2.87 6.11 19.61
CA SER A 270 2.30 4.86 20.06
C SER A 270 2.39 3.72 19.03
N SER A 271 2.89 4.02 17.82
CA SER A 271 3.03 3.03 16.76
C SER A 271 4.24 2.12 16.98
N ALA A 272 4.29 1.00 16.23
CA ALA A 272 5.39 0.02 16.25
C ALA A 272 6.68 0.57 15.63
N ASN A 273 6.57 1.70 14.88
CA ASN A 273 7.67 2.35 14.17
C ASN A 273 7.66 3.88 14.41
N PRO A 274 7.93 4.38 15.64
CA PRO A 274 7.92 5.84 15.86
C PRO A 274 8.94 6.61 15.01
N GLY A 275 8.46 7.64 14.33
CA GLY A 275 9.25 8.49 13.46
C GLY A 275 9.31 8.01 12.01
N GLN A 276 8.71 6.84 11.73
CA GLN A 276 8.73 6.23 10.39
C GLN A 276 7.36 6.17 9.75
N GLN A 277 7.31 6.20 8.40
CA GLN A 277 6.08 6.11 7.60
C GLN A 277 5.05 7.20 7.92
N LEU A 278 5.52 8.43 8.16
CA LEU A 278 4.69 9.58 8.54
C LEU A 278 3.58 9.97 7.56
N TYR A 279 3.89 10.00 6.26
CA TYR A 279 2.94 10.30 5.20
C TYR A 279 1.87 9.19 5.17
N GLU A 280 2.30 7.93 5.30
CA GLU A 280 1.44 6.75 5.35
C GLU A 280 0.49 6.84 6.56
N LYS A 281 1.00 7.36 7.71
CA LYS A 281 0.24 7.50 8.95
C LYS A 281 -0.93 8.52 8.83
N LEU A 282 -0.93 9.34 7.75
CA LEU A 282 -1.97 10.32 7.44
C LEU A 282 -3.04 9.74 6.53
N ILE A 283 -2.76 8.57 5.92
CA ILE A 283 -3.62 7.97 4.90
C ILE A 283 -4.10 6.55 5.17
N GLY A 284 -3.16 5.64 5.42
CA GLY A 284 -3.42 4.21 5.62
C GLY A 284 -4.52 3.81 6.57
N GLY A 285 -5.15 2.68 6.28
CA GLY A 285 -6.21 2.07 7.06
C GLY A 285 -5.76 1.62 8.45
N LYS A 286 -4.46 1.37 8.62
CA LYS A 286 -3.90 0.99 9.92
C LYS A 286 -4.05 2.17 10.91
N TYR A 287 -4.08 3.40 10.40
CA TYR A 287 -4.06 4.60 11.20
C TYR A 287 -5.30 5.47 11.19
N MET A 288 -6.10 5.43 10.10
CA MET A 288 -7.29 6.30 9.92
C MET A 288 -8.31 6.27 11.06
N GLY A 289 -8.81 5.09 11.40
CA GLY A 289 -9.77 4.91 12.49
C GLY A 289 -9.22 5.39 13.82
N GLU A 290 -7.90 5.19 14.02
CA GLU A 290 -7.16 5.60 15.22
C GLU A 290 -7.08 7.13 15.30
N LEU A 291 -6.92 7.80 14.14
CA LEU A 291 -6.90 9.26 14.06
C LEU A 291 -8.26 9.82 14.46
N VAL A 292 -9.37 9.21 13.98
CA VAL A 292 -10.75 9.58 14.31
C VAL A 292 -10.96 9.44 15.83
N ARG A 293 -10.51 8.29 16.41
CA ARG A 293 -10.62 7.98 17.84
C ARG A 293 -10.00 9.09 18.70
N LEU A 294 -8.79 9.55 18.33
CA LEU A 294 -8.07 10.62 19.02
C LEU A 294 -8.80 11.98 18.93
N VAL A 295 -9.47 12.25 17.79
CA VAL A 295 -10.25 13.47 17.56
C VAL A 295 -11.50 13.46 18.46
N LEU A 296 -12.21 12.31 18.54
CA LEU A 296 -13.41 12.16 19.37
C LEU A 296 -13.06 12.36 20.84
N LEU A 297 -11.91 11.81 21.28
CA LEU A 297 -11.37 11.92 22.63
C LEU A 297 -11.06 13.38 22.99
N ARG A 298 -10.57 14.17 22.02
CA ARG A 298 -10.28 15.60 22.17
C ARG A 298 -11.62 16.32 22.40
N LEU A 299 -12.64 15.98 21.59
CA LEU A 299 -13.98 16.55 21.68
C LEU A 299 -14.66 16.22 23.03
N VAL A 300 -14.42 15.01 23.59
CA VAL A 300 -14.99 14.62 24.89
C VAL A 300 -14.34 15.40 26.05
N ASP A 301 -12.99 15.59 26.01
CA ASP A 301 -12.23 16.34 27.02
C ASP A 301 -12.64 17.81 27.04
N GLU A 302 -13.01 18.35 25.86
CA GLU A 302 -13.48 19.71 25.68
C GLU A 302 -15.00 19.83 25.97
N ASN A 303 -15.64 18.70 26.38
CA ASN A 303 -17.08 18.59 26.73
C ASN A 303 -18.01 18.94 25.56
N LEU A 304 -17.59 18.55 24.35
CA LEU A 304 -18.28 18.83 23.09
C LEU A 304 -18.91 17.58 22.50
N LEU A 305 -18.59 16.41 23.07
CA LEU A 305 -19.08 15.11 22.61
C LEU A 305 -19.41 14.23 23.80
N PHE A 306 -20.50 13.45 23.67
CA PHE A 306 -21.01 12.49 24.66
C PHE A 306 -21.04 13.03 26.10
N HIS A 307 -21.44 14.32 26.27
CA HIS A 307 -21.51 15.02 27.56
C HIS A 307 -20.17 14.99 28.34
N GLY A 308 -19.07 14.91 27.58
CA GLY A 308 -17.72 14.85 28.11
C GLY A 308 -17.35 13.52 28.74
N GLU A 309 -18.12 12.45 28.42
CA GLU A 309 -17.90 11.10 28.96
C GLU A 309 -17.62 10.09 27.85
N ALA A 310 -16.43 9.50 27.85
CA ALA A 310 -16.04 8.48 26.88
C ALA A 310 -16.17 7.09 27.49
N SER A 311 -16.48 6.08 26.67
CA SER A 311 -16.60 4.70 27.13
C SER A 311 -15.21 4.06 27.25
N GLU A 312 -15.15 2.89 27.94
CA GLU A 312 -13.95 2.08 28.17
C GLU A 312 -13.32 1.72 26.82
N GLN A 313 -14.16 1.29 25.87
CA GLN A 313 -13.77 0.93 24.50
C GLN A 313 -13.22 2.13 23.75
N LEU A 314 -13.89 3.30 23.82
CA LEU A 314 -13.43 4.51 23.13
C LEU A 314 -12.06 5.00 23.64
N ARG A 315 -11.73 4.72 24.92
CA ARG A 315 -10.46 5.08 25.54
C ARG A 315 -9.32 4.04 25.29
N THR A 316 -9.64 2.94 24.54
CA THR A 316 -8.65 1.90 24.22
C THR A 316 -8.16 2.02 22.78
N ARG A 317 -6.84 1.93 22.59
CA ARG A 317 -6.18 2.03 21.28
C ARG A 317 -6.67 0.95 20.29
N GLY A 318 -6.93 1.38 19.06
CA GLY A 318 -7.41 0.52 17.98
C GLY A 318 -8.90 0.19 17.96
N ALA A 319 -9.66 0.62 19.00
CA ALA A 319 -11.10 0.35 19.10
C ALA A 319 -11.97 0.95 17.98
N PHE A 320 -11.63 2.15 17.51
CA PHE A 320 -12.35 2.75 16.39
C PHE A 320 -11.67 2.23 15.12
N GLU A 321 -12.23 1.15 14.56
CA GLU A 321 -11.72 0.49 13.36
C GLU A 321 -11.92 1.38 12.11
N THR A 322 -11.02 1.27 11.10
CA THR A 322 -11.10 2.05 9.86
C THR A 322 -12.41 1.83 9.09
N ARG A 323 -12.93 0.58 9.10
CA ARG A 323 -14.20 0.24 8.48
C ARG A 323 -15.35 1.03 9.10
N PHE A 324 -15.23 1.41 10.39
CA PHE A 324 -16.25 2.22 11.10
C PHE A 324 -16.34 3.62 10.48
N VAL A 325 -15.19 4.17 10.00
CA VAL A 325 -15.08 5.51 9.37
C VAL A 325 -15.91 5.51 8.08
N SER A 326 -15.74 4.45 7.31
CA SER A 326 -16.40 4.17 6.04
C SER A 326 -17.90 3.91 6.28
N GLN A 327 -18.26 3.24 7.38
CA GLN A 327 -19.64 2.95 7.75
C GLN A 327 -20.37 4.22 8.19
N VAL A 328 -19.71 5.06 9.02
CA VAL A 328 -20.22 6.34 9.50
C VAL A 328 -20.53 7.26 8.29
N GLU A 329 -19.63 7.28 7.31
CA GLU A 329 -19.79 8.08 6.11
C GLU A 329 -20.77 7.48 5.09
N SER A 330 -21.21 6.24 5.31
CA SER A 330 -22.22 5.58 4.46
C SER A 330 -23.62 5.87 5.00
N ASP A 331 -23.72 6.38 6.26
CA ASP A 331 -25.00 6.74 6.88
C ASP A 331 -25.82 7.63 5.95
N THR A 332 -27.09 7.28 5.79
CA THR A 332 -28.07 7.90 4.90
C THR A 332 -28.66 9.20 5.42
N GLY A 333 -28.39 9.52 6.68
CA GLY A 333 -28.91 10.70 7.36
C GLY A 333 -29.81 10.35 8.53
N ASP A 334 -30.26 9.07 8.60
CA ASP A 334 -31.13 8.62 9.70
C ASP A 334 -30.35 8.35 11.00
N ARG A 335 -29.00 8.40 10.94
CA ARG A 335 -28.08 8.17 12.07
C ARG A 335 -28.05 6.72 12.57
N LYS A 336 -28.82 5.81 11.93
CA LYS A 336 -28.91 4.39 12.31
C LYS A 336 -27.56 3.68 12.29
N GLN A 337 -26.77 3.90 11.23
CA GLN A 337 -25.44 3.29 11.10
C GLN A 337 -24.48 3.88 12.14
N ILE A 338 -24.48 5.21 12.33
CA ILE A 338 -23.62 5.88 13.32
C ILE A 338 -23.98 5.41 14.75
N TYR A 339 -25.28 5.43 15.09
CA TYR A 339 -25.77 5.01 16.41
C TYR A 339 -25.29 3.60 16.78
N ASN A 340 -25.53 2.61 15.89
CA ASN A 340 -25.15 1.21 16.06
C ASN A 340 -23.65 1.01 16.27
N ILE A 341 -22.81 1.73 15.52
CA ILE A 341 -21.35 1.69 15.68
C ILE A 341 -20.99 2.19 17.09
N LEU A 342 -21.54 3.36 17.48
CA LEU A 342 -21.28 3.97 18.77
C LEU A 342 -21.84 3.19 19.94
N SER A 343 -23.01 2.53 19.76
CA SER A 343 -23.66 1.72 20.80
C SER A 343 -22.80 0.49 21.08
N THR A 344 -22.25 -0.14 20.03
CA THR A 344 -21.35 -1.29 20.11
C THR A 344 -20.05 -0.88 20.82
N LEU A 345 -19.64 0.38 20.67
CA LEU A 345 -18.47 0.95 21.35
C LEU A 345 -18.79 1.37 22.80
N GLY A 346 -19.99 1.02 23.27
CA GLY A 346 -20.47 1.29 24.63
C GLY A 346 -20.91 2.71 24.90
N LEU A 347 -21.28 3.46 23.85
CA LEU A 347 -21.72 4.84 23.99
C LEU A 347 -23.21 4.98 23.70
N ARG A 348 -23.83 6.01 24.26
CA ARG A 348 -25.25 6.28 24.04
C ARG A 348 -25.31 7.70 23.46
N PRO A 349 -25.13 7.82 22.12
CA PRO A 349 -25.03 9.16 21.53
C PRO A 349 -26.34 9.86 21.23
N SER A 350 -26.30 11.20 21.25
CA SER A 350 -27.44 12.03 20.88
C SER A 350 -27.40 12.19 19.35
N THR A 351 -28.40 12.88 18.80
CA THR A 351 -28.53 13.21 17.39
C THR A 351 -27.29 14.08 16.97
N THR A 352 -26.90 15.06 17.80
CA THR A 352 -25.77 15.93 17.52
C THR A 352 -24.43 15.22 17.67
N ASP A 353 -24.32 14.25 18.62
CA ASP A 353 -23.11 13.44 18.81
C ASP A 353 -22.83 12.63 17.53
N CYS A 354 -23.90 12.07 16.91
CA CYS A 354 -23.82 11.29 15.67
C CYS A 354 -23.28 12.15 14.52
N ASP A 355 -23.86 13.36 14.35
CA ASP A 355 -23.49 14.37 13.36
C ASP A 355 -22.05 14.82 13.52
N ILE A 356 -21.58 15.00 14.78
CA ILE A 356 -20.18 15.36 15.12
C ILE A 356 -19.24 14.23 14.72
N VAL A 357 -19.58 12.98 15.07
CA VAL A 357 -18.79 11.78 14.72
C VAL A 357 -18.68 11.69 13.17
N ARG A 358 -19.78 12.01 12.43
CA ARG A 358 -19.75 12.02 10.96
C ARG A 358 -18.72 13.06 10.46
N ARG A 359 -18.82 14.29 11.00
CA ARG A 359 -17.93 15.41 10.68
C ARG A 359 -16.47 15.07 10.97
N ALA A 360 -16.20 14.42 12.13
CA ALA A 360 -14.85 13.99 12.51
C ALA A 360 -14.32 12.94 11.53
N CYS A 361 -15.22 12.02 11.06
CA CYS A 361 -14.84 11.00 10.09
C CYS A 361 -14.50 11.61 8.73
N GLU A 362 -15.33 12.53 8.23
CA GLU A 362 -15.14 13.24 6.96
C GLU A 362 -13.88 14.09 6.98
N SER A 363 -13.57 14.72 8.12
CA SER A 363 -12.39 15.55 8.27
C SER A 363 -11.11 14.73 8.09
N VAL A 364 -11.03 13.55 8.73
CA VAL A 364 -9.87 12.66 8.66
C VAL A 364 -9.74 11.98 7.28
N SER A 365 -10.85 11.47 6.72
CA SER A 365 -10.82 10.79 5.42
C SER A 365 -10.59 11.78 4.26
N THR A 366 -11.12 13.02 4.34
CA THR A 366 -10.90 14.05 3.30
C THR A 366 -9.42 14.45 3.26
N ARG A 367 -8.79 14.62 4.45
CA ARG A 367 -7.37 14.97 4.55
C ARG A 367 -6.52 13.86 3.95
N ALA A 368 -6.89 12.60 4.22
CA ALA A 368 -6.20 11.42 3.69
C ALA A 368 -6.26 11.41 2.16
N ALA A 369 -7.47 11.63 1.58
CA ALA A 369 -7.66 11.68 0.13
C ALA A 369 -6.84 12.81 -0.53
N HIS A 370 -6.86 14.02 0.06
CA HIS A 370 -6.16 15.21 -0.41
C HIS A 370 -4.65 15.06 -0.29
N MET A 371 -4.15 14.53 0.85
CA MET A 371 -2.71 14.26 1.05
C MET A 371 -2.22 13.21 0.06
N CYS A 372 -3.02 12.16 -0.15
CA CYS A 372 -2.70 11.09 -1.10
C CYS A 372 -2.62 11.63 -2.55
N SER A 373 -3.54 12.54 -2.90
CA SER A 373 -3.65 13.15 -4.23
C SER A 373 -2.41 13.96 -4.60
N ALA A 374 -1.79 14.62 -3.62
CA ALA A 374 -0.59 15.45 -3.79
C ALA A 374 0.60 14.55 -4.17
N GLY A 375 0.65 13.35 -3.62
CA GLY A 375 1.67 12.35 -3.89
C GLY A 375 1.56 11.85 -5.32
N LEU A 376 0.36 11.37 -5.72
CA LEU A 376 0.11 10.86 -7.07
C LEU A 376 0.33 11.95 -8.11
N ALA A 377 -0.11 13.19 -7.83
CA ALA A 377 0.09 14.34 -8.72
C ALA A 377 1.57 14.62 -8.92
N GLY A 378 2.35 14.38 -7.87
CA GLY A 378 3.80 14.56 -7.91
C GLY A 378 4.45 13.56 -8.85
N VAL A 379 4.06 12.27 -8.74
CA VAL A 379 4.54 11.17 -9.57
C VAL A 379 4.17 11.45 -11.04
N ILE A 380 2.88 11.77 -11.30
CA ILE A 380 2.34 12.05 -12.63
C ILE A 380 3.00 13.27 -13.29
N ASN A 381 3.16 14.38 -12.55
CA ASN A 381 3.79 15.58 -13.12
C ASN A 381 5.28 15.36 -13.38
N ARG A 382 5.92 14.51 -12.57
CA ARG A 382 7.34 14.15 -12.73
C ARG A 382 7.48 13.35 -14.05
N MET A 383 6.53 12.40 -14.30
CA MET A 383 6.50 11.59 -15.51
C MET A 383 6.21 12.44 -16.75
N ARG A 384 5.34 13.46 -16.61
CA ARG A 384 4.98 14.42 -17.67
C ARG A 384 6.25 15.16 -18.15
N GLU A 385 7.03 15.69 -17.20
CA GLU A 385 8.27 16.43 -17.42
C GLU A 385 9.29 15.61 -18.24
N SER A 386 9.40 14.31 -17.94
CA SER A 386 10.31 13.40 -18.65
C SER A 386 9.60 12.76 -19.88
N ARG A 387 8.95 13.58 -20.76
CA ARG A 387 8.21 13.17 -21.97
C ARG A 387 7.71 14.36 -22.83
N SER A 388 7.75 14.22 -24.18
CA SER A 388 7.31 15.25 -25.14
C SER A 388 6.03 14.89 -25.93
N GLU A 389 4.88 15.49 -25.52
CA GLU A 389 3.52 15.35 -26.08
C GLU A 389 2.58 16.43 -25.51
N ASP A 390 1.57 16.86 -26.30
CA ASP A 390 0.60 17.91 -25.95
C ASP A 390 -0.13 17.65 -24.63
N VAL A 391 -0.60 16.41 -24.43
CA VAL A 391 -1.31 15.96 -23.24
C VAL A 391 -0.81 14.56 -22.90
N MET A 392 -0.37 14.34 -21.64
CA MET A 392 0.05 13.01 -21.23
C MET A 392 -1.16 12.17 -20.81
N ARG A 393 -1.42 11.07 -21.52
CA ARG A 393 -2.52 10.15 -21.23
C ARG A 393 -1.92 8.97 -20.46
N ILE A 394 -2.29 8.84 -19.18
CA ILE A 394 -1.73 7.78 -18.33
C ILE A 394 -2.81 7.03 -17.53
N THR A 395 -2.59 5.74 -17.30
CA THR A 395 -3.51 4.92 -16.50
C THR A 395 -2.85 4.56 -15.20
N VAL A 396 -3.60 4.70 -14.10
CA VAL A 396 -3.13 4.36 -12.75
C VAL A 396 -3.91 3.13 -12.29
N GLY A 397 -3.17 2.07 -11.93
CA GLY A 397 -3.72 0.83 -11.38
C GLY A 397 -3.80 0.97 -9.89
N VAL A 398 -4.99 0.71 -9.31
CA VAL A 398 -5.26 0.90 -7.88
C VAL A 398 -5.82 -0.34 -7.14
N ASP A 399 -5.39 -0.50 -5.89
CA ASP A 399 -5.86 -1.50 -4.94
C ASP A 399 -5.84 -0.93 -3.51
N GLY A 400 -6.51 -1.62 -2.60
CA GLY A 400 -6.61 -1.23 -1.20
C GLY A 400 -8.04 -0.97 -0.80
N SER A 401 -8.40 -1.41 0.43
CA SER A 401 -9.76 -1.30 0.97
C SER A 401 -10.20 0.13 1.23
N VAL A 402 -9.27 1.01 1.63
CA VAL A 402 -9.58 2.43 1.87
C VAL A 402 -10.06 3.07 0.56
N TYR A 403 -9.28 2.92 -0.53
CA TYR A 403 -9.64 3.49 -1.82
C TYR A 403 -10.88 2.82 -2.41
N LYS A 404 -10.98 1.49 -2.33
CA LYS A 404 -12.08 0.79 -2.94
C LYS A 404 -13.40 0.86 -2.20
N LEU A 405 -13.38 0.75 -0.85
CA LEU A 405 -14.60 0.59 -0.05
C LEU A 405 -15.17 1.82 0.63
N HIS A 406 -14.32 2.84 0.88
CA HIS A 406 -14.77 4.08 1.51
C HIS A 406 -15.75 4.78 0.56
N PRO A 407 -16.95 5.21 1.03
CA PRO A 407 -17.95 5.78 0.11
C PRO A 407 -17.55 7.00 -0.72
N SER A 408 -16.69 7.87 -0.20
CA SER A 408 -16.33 9.09 -0.93
C SER A 408 -14.85 9.32 -1.23
N PHE A 409 -13.94 8.53 -0.64
CA PHE A 409 -12.48 8.71 -0.80
C PHE A 409 -12.05 8.78 -2.27
N LYS A 410 -12.40 7.77 -3.06
CA LYS A 410 -12.11 7.59 -4.49
C LYS A 410 -12.35 8.90 -5.27
N GLU A 411 -13.57 9.45 -5.15
CA GLU A 411 -14.02 10.66 -5.83
C GLU A 411 -13.35 11.95 -5.43
N ARG A 412 -13.13 12.14 -4.11
CA ARG A 412 -12.44 13.31 -3.57
C ARG A 412 -11.00 13.20 -4.07
N PHE A 413 -10.44 11.98 -4.05
CA PHE A 413 -9.08 11.69 -4.51
C PHE A 413 -8.91 12.02 -6.00
N HIS A 414 -9.77 11.45 -6.89
CA HIS A 414 -9.75 11.68 -8.34
C HIS A 414 -9.83 13.18 -8.67
N ALA A 415 -10.80 13.89 -8.04
CA ALA A 415 -11.04 15.32 -8.26
C ALA A 415 -9.83 16.16 -7.88
N SER A 416 -9.20 15.82 -6.75
CA SER A 416 -8.02 16.54 -6.27
C SER A 416 -6.79 16.26 -7.16
N VAL A 417 -6.59 14.99 -7.63
CA VAL A 417 -5.46 14.63 -8.53
C VAL A 417 -5.57 15.43 -9.85
N ARG A 418 -6.75 15.40 -10.49
CA ARG A 418 -7.02 16.09 -11.76
C ARG A 418 -6.75 17.60 -11.66
N ARG A 419 -7.14 18.20 -10.52
CA ARG A 419 -6.91 19.61 -10.19
C ARG A 419 -5.40 19.92 -10.19
N LEU A 420 -4.59 19.02 -9.62
CA LEU A 420 -3.15 19.19 -9.47
C LEU A 420 -2.33 18.74 -10.69
N THR A 421 -2.97 18.07 -11.67
CA THR A 421 -2.29 17.56 -12.88
C THR A 421 -2.82 18.17 -14.20
N PRO A 422 -2.64 19.49 -14.47
CA PRO A 422 -3.11 20.01 -15.77
C PRO A 422 -2.29 19.46 -16.96
N SER A 423 -2.97 19.28 -18.11
CA SER A 423 -2.44 18.69 -19.34
C SER A 423 -2.06 17.20 -19.19
N CYS A 424 -2.71 16.54 -18.23
CA CYS A 424 -2.65 15.11 -17.96
C CYS A 424 -4.08 14.59 -18.02
N GLU A 425 -4.31 13.48 -18.72
CA GLU A 425 -5.60 12.79 -18.82
C GLU A 425 -5.36 11.49 -18.06
N ILE A 426 -5.88 11.41 -16.83
CA ILE A 426 -5.69 10.25 -15.98
C ILE A 426 -6.87 9.28 -15.98
N THR A 427 -6.58 7.99 -16.21
CA THR A 427 -7.57 6.92 -16.14
C THR A 427 -7.22 6.07 -14.91
N PHE A 428 -8.21 5.75 -14.09
CA PHE A 428 -8.04 4.95 -12.89
C PHE A 428 -8.72 3.62 -13.09
N ILE A 429 -7.99 2.53 -12.90
CA ILE A 429 -8.47 1.15 -13.05
C ILE A 429 -8.19 0.43 -11.74
N GLU A 430 -9.14 -0.40 -11.29
CA GLU A 430 -8.98 -1.19 -10.08
C GLU A 430 -8.50 -2.56 -10.43
N SER A 431 -7.56 -3.10 -9.64
CA SER A 431 -7.02 -4.42 -9.94
C SER A 431 -7.90 -5.58 -9.42
N GLU A 432 -8.18 -6.54 -10.31
CA GLU A 432 -8.92 -7.76 -10.00
C GLU A 432 -7.83 -8.79 -9.72
N GLU A 433 -7.72 -9.22 -8.44
CA GLU A 433 -6.68 -10.13 -7.94
C GLU A 433 -5.28 -9.70 -8.46
N GLY A 434 -4.97 -8.42 -8.25
CA GLY A 434 -3.76 -7.77 -8.72
C GLY A 434 -2.46 -8.29 -8.15
N SER A 435 -2.45 -8.58 -6.84
CA SER A 435 -1.28 -9.09 -6.15
C SER A 435 -0.87 -10.48 -6.64
N GLY A 436 -1.85 -11.36 -6.81
CA GLY A 436 -1.61 -12.72 -7.27
C GLY A 436 -1.25 -12.80 -8.73
N ARG A 437 -2.09 -12.19 -9.59
CA ARG A 437 -1.89 -12.17 -11.04
C ARG A 437 -0.65 -11.40 -11.47
N GLY A 438 -0.38 -10.27 -10.84
CA GLY A 438 0.80 -9.46 -11.11
C GLY A 438 2.09 -10.20 -10.86
N ALA A 439 2.18 -10.89 -9.70
CA ALA A 439 3.34 -11.69 -9.31
C ALA A 439 3.60 -12.86 -10.27
N ALA A 440 2.51 -13.47 -10.78
CA ALA A 440 2.57 -14.60 -11.71
C ALA A 440 3.00 -14.10 -13.08
N LEU A 441 2.47 -12.93 -13.52
CA LEU A 441 2.82 -12.30 -14.80
C LEU A 441 4.30 -11.89 -14.89
N VAL A 442 4.85 -11.35 -13.77
CA VAL A 442 6.27 -10.97 -13.69
C VAL A 442 7.10 -12.26 -13.72
N SER A 443 6.66 -13.29 -12.97
CA SER A 443 7.29 -14.60 -12.89
C SER A 443 7.38 -15.31 -14.25
N ALA A 444 6.32 -15.20 -15.07
CA ALA A 444 6.20 -15.77 -16.41
C ALA A 444 7.27 -15.22 -17.36
N VAL A 445 7.60 -13.92 -17.24
CA VAL A 445 8.62 -13.24 -18.05
C VAL A 445 10.01 -13.58 -17.51
N ALA A 446 10.19 -13.49 -16.17
CA ALA A 446 11.45 -13.79 -15.48
C ALA A 446 11.88 -15.26 -15.65
N CYS A 447 10.92 -16.17 -15.92
CA CYS A 447 11.15 -17.61 -16.14
C CYS A 447 11.98 -17.88 -17.40
N LYS A 448 11.79 -17.07 -18.47
CA LYS A 448 12.50 -17.20 -19.74
C LYS A 448 14.03 -17.09 -19.61
N LYS A 449 14.52 -16.44 -18.53
CA LYS A 449 15.95 -16.25 -18.25
C LYS A 449 16.52 -17.22 -17.19
N ALA A 450 15.84 -17.35 -16.02
CA ALA A 450 16.29 -18.19 -14.91
C ALA A 450 15.98 -19.69 -15.02
N CYS A 451 14.68 -20.07 -14.96
CA CYS A 451 14.26 -21.47 -15.02
C CYS A 451 14.43 -22.14 -16.39
C1 GLC B . 3.87 -0.06 3.33
C2 GLC B . 5.06 -0.73 2.68
C3 GLC B . 5.04 -0.73 1.13
C4 GLC B . 3.66 -1.23 0.65
C5 GLC B . 2.50 -0.38 1.27
C6 GLC B . 1.07 -0.79 0.92
O1 GLC B . 3.98 1.31 3.06
O2 GLC B . 6.24 -0.15 3.23
O3 GLC B . 5.97 -1.72 0.67
O4 GLC B . 3.60 -1.15 -0.74
O5 GLC B . 2.63 -0.41 2.69
O6 GLC B . 0.99 -2.17 1.24
NA NA C . 20.87 4.00 -15.36
PG AGS D . -2.14 -3.59 2.10
S1G AGS D . -1.73 -4.63 0.23
O2G AGS D . -3.33 -2.58 1.81
O3G AGS D . -1.06 -2.68 2.62
PB AGS D . -3.96 -5.35 3.13
O1B AGS D . -3.80 -6.60 2.34
O2B AGS D . -4.58 -5.72 4.60
O3B AGS D . -2.50 -4.67 3.29
PA AGS D . -6.49 -4.27 2.57
O1A AGS D . -6.99 -3.80 1.25
O2A AGS D . -7.22 -5.67 3.00
O3A AGS D . -4.92 -4.38 2.26
O5' AGS D . -6.71 -3.11 3.66
C5' AGS D . -7.05 -3.55 4.99
C4' AGS D . -7.01 -2.25 5.81
O4' AGS D . -8.04 -1.33 5.43
C3' AGS D . -7.04 -2.38 7.35
O3' AGS D . -6.12 -1.43 7.88
C2' AGS D . -8.52 -2.04 7.71
O2' AGS D . -8.65 -1.37 8.97
C1' AGS D . -9.00 -1.18 6.50
N9 AGS D . -10.42 -1.41 6.11
C8 AGS D . -11.15 -2.56 6.29
N7 AGS D . -12.38 -2.39 5.85
C5 AGS D . -12.54 -1.13 5.38
C6 AGS D . -13.61 -0.41 4.77
N6 AGS D . -14.89 -0.96 4.61
N1 AGS D . -13.38 0.85 4.38
C2 AGS D . -12.19 1.47 4.55
N3 AGS D . -11.14 0.82 5.09
C4 AGS D . -11.27 -0.47 5.52
C4 0H5 E . 5.05 -6.75 -17.75
C6 0H5 E . 6.73 -4.99 -17.61
C13 0H5 E . 5.23 -1.73 -18.19
C8 0H5 E . 5.54 -8.95 -17.15
C18 0H5 E . 9.71 -9.02 -15.59
C19 0H5 E . 13.25 -8.20 -15.91
C1 0H5 E . 5.80 -4.04 -18.04
C2 0H5 E . 4.46 -4.44 -18.36
C3 0H5 E . 4.11 -5.78 -18.22
C5 0H5 E . 6.39 -6.34 -17.45
N7 0H5 E . 4.68 -8.06 -17.61
N9 0H5 E . 6.82 -8.66 -16.84
C10 0H5 E . 7.28 -7.35 -16.98
O11 0H5 E . 6.27 -2.72 -18.12
N12 0H5 E . 8.65 -7.00 -16.68
C14 0H5 E . 9.71 -7.76 -16.24
N15 0H5 E . 10.99 -7.36 -16.41
N16 0H5 E . 11.79 -8.34 -15.90
C17 0H5 E . 11.03 -9.36 -15.41
#